data_3FU5
#
_entry.id   3FU5
#
_cell.length_a   78.403
_cell.length_b   87.226
_cell.length_c   99.521
_cell.angle_alpha   90.00
_cell.angle_beta   90.00
_cell.angle_gamma   90.00
#
_symmetry.space_group_name_H-M   'P 21 21 21'
#
loop_
_entity.id
_entity.type
_entity.pdbx_description
1 polymer 'Leukotriene A-4 hydrolase'
2 non-polymer 'ZINC ION'
3 non-polymer 'YTTERBIUM (III) ION'
4 non-polymer "1-(2,2'-bithiophen-5-yl)methanamine"
5 non-polymer 'ACETATE ION'
6 non-polymer IMIDAZOLE
7 water water
#
_entity_poly.entity_id   1
_entity_poly.type   'polypeptide(L)'
_entity_poly.pdbx_seq_one_letter_code
;MPEIVDTCSLASPASVCRTKHLHLRCSVDFTRRTLTGTAALTVQSQEDNLRSLVLDTKDLTIEKVVINGQEVKYALGERQ
SYKGSPMEISLPIALSKNQEIVIEISFETSPKSSALQWLTPEQTSGKEHPYLFSQCQAIHCRAILPCQDTPSVKLTYTAE
VSVPKELVALMSAIRDGETPDPEDPSRKIYKFIQKVPIPCYLIALVVGALESRQIGPRTLVWSEKEQVEKSAYEFSETES
MLKIAEDLGGPYVWGQYDLLVLPPSFPYGGMENPCLTFVTPTLLAGDKSLSNVIAHEISHSWTGNLVTNKTWDHFWLNEG
HTVYLERHICGRLFGEKFRHFNALGGWGELQNSVKTFGETHPFTKLVVDLTDIDPDVAYSSVPYEKGFALLFYLEQLLGG
PEIFLGFLKAYVEKFSYKSITTDDWKDFLYSYFKDKVDVLNQVDWNAWLYSPGLPPIKPNYDMTLTNACIALSQRWITAK
EDDLNSFNATDLKDLSSHQLNEFLAQTLQRAPLPLGHIKRMQEVYNFNAINNSEIRFRWLRLCIQSKWEDAIPLALKMAT
EQGRMKFTRPLFKDLAAFDKSHDQAVRTYQEHKASMHPVTAMLVGKDLKVD
;
_entity_poly.pdbx_strand_id   A
#
# COMPACT_ATOMS: atom_id res chain seq x y z
N VAL A 5 17.38 -4.61 -14.96
CA VAL A 5 16.18 -5.33 -15.53
C VAL A 5 15.20 -5.92 -14.49
N ASP A 6 13.92 -6.02 -14.88
CA ASP A 6 12.84 -6.28 -13.94
C ASP A 6 12.49 -7.77 -13.86
N THR A 7 13.05 -8.43 -12.86
CA THR A 7 12.86 -9.86 -12.72
C THR A 7 11.45 -10.23 -12.20
N CYS A 8 10.54 -9.26 -12.15
CA CYS A 8 9.12 -9.51 -11.77
C CYS A 8 8.21 -9.38 -12.98
N SER A 9 8.78 -8.96 -14.11
CA SER A 9 8.00 -8.72 -15.32
C SER A 9 8.47 -9.61 -16.47
N LEU A 10 7.52 -10.05 -17.28
CA LEU A 10 7.81 -10.89 -18.44
C LEU A 10 7.81 -10.06 -19.73
N ALA A 11 7.50 -8.77 -19.62
CA ALA A 11 7.40 -7.92 -20.81
C ALA A 11 8.76 -7.49 -21.35
N SER A 12 8.77 -7.02 -22.61
CA SER A 12 9.93 -6.36 -23.19
C SER A 12 10.30 -5.19 -22.29
N PRO A 13 11.58 -5.08 -21.91
CA PRO A 13 12.05 -4.00 -21.05
C PRO A 13 12.07 -2.63 -21.75
N ALA A 14 12.19 -1.58 -20.95
CA ALA A 14 12.14 -0.20 -21.45
C ALA A 14 13.19 0.11 -22.53
N SER A 15 14.25 -0.68 -22.56
CA SER A 15 15.32 -0.51 -23.55
C SER A 15 14.93 -1.07 -24.93
N VAL A 16 13.89 -1.91 -24.98
CA VAL A 16 13.36 -2.47 -26.24
C VAL A 16 12.24 -1.59 -26.82
N CYS A 17 11.23 -1.30 -25.99
CA CYS A 17 10.13 -0.43 -26.38
C CYS A 17 9.49 0.15 -25.12
N ARG A 18 8.68 1.19 -25.29
CA ARG A 18 8.10 1.93 -24.17
C ARG A 18 6.64 2.25 -24.44
N THR A 19 5.78 1.91 -23.49
CA THR A 19 4.38 2.39 -23.56
C THR A 19 4.33 3.86 -23.18
N LYS A 20 3.79 4.66 -24.09
CA LYS A 20 3.65 6.08 -23.87
C LYS A 20 2.26 6.42 -23.34
N HIS A 21 1.25 5.66 -23.77
CA HIS A 21 -0.13 5.98 -23.46
C HIS A 21 -1.02 4.75 -23.53
N LEU A 22 -2.02 4.69 -22.65
CA LEU A 22 -3.07 3.69 -22.70
C LEU A 22 -4.40 4.37 -22.91
N HIS A 23 -5.15 3.93 -23.93
CA HIS A 23 -6.59 4.21 -23.95
C HIS A 23 -7.40 2.97 -23.62
N LEU A 24 -8.05 2.99 -22.46
CA LEU A 24 -8.86 1.87 -22.01
C LEU A 24 -10.34 2.17 -22.22
N ARG A 25 -10.99 1.27 -22.96
CA ARG A 25 -12.42 1.30 -23.15
C ARG A 25 -12.95 -0.05 -22.68
N CYS A 26 -13.76 -0.04 -21.63
CA CYS A 26 -14.21 -1.29 -21.02
C CYS A 26 -15.62 -1.27 -20.39
N SER A 27 -16.20 -2.45 -20.23
CA SER A 27 -17.46 -2.60 -19.51
C SER A 27 -17.21 -3.42 -18.25
N VAL A 28 -17.87 -3.02 -17.16
CA VAL A 28 -17.81 -3.81 -15.94
C VAL A 28 -19.05 -4.71 -15.87
N ASP A 29 -18.86 -6.00 -16.09
CA ASP A 29 -19.98 -6.94 -16.10
C ASP A 29 -20.15 -7.64 -14.75
N PHE A 30 -20.96 -7.05 -13.87
CA PHE A 30 -21.15 -7.60 -12.53
C PHE A 30 -21.76 -8.99 -12.49
N THR A 31 -22.53 -9.35 -13.52
CA THR A 31 -23.19 -10.65 -13.54
C THR A 31 -22.15 -11.77 -13.81
N ARG A 32 -21.20 -11.51 -14.72
CA ARG A 32 -20.15 -12.49 -15.00
C ARG A 32 -18.86 -12.24 -14.19
N ARG A 33 -18.83 -11.12 -13.46
CA ARG A 33 -17.64 -10.67 -12.71
C ARG A 33 -16.40 -10.48 -13.60
N THR A 34 -16.63 -9.91 -14.78
CA THR A 34 -15.56 -9.70 -15.75
C THR A 34 -15.50 -8.24 -16.20
N LEU A 35 -14.30 -7.86 -16.62
CA LEU A 35 -14.08 -6.57 -17.25
C LEU A 35 -13.76 -6.93 -18.69
N THR A 36 -14.47 -6.30 -19.63
CA THR A 36 -14.37 -6.64 -21.03
C THR A 36 -14.06 -5.39 -21.83
N GLY A 37 -13.14 -5.48 -22.78
CA GLY A 37 -12.94 -4.36 -23.67
C GLY A 37 -11.63 -4.30 -24.44
N THR A 38 -11.16 -3.08 -24.65
CA THR A 38 -9.96 -2.87 -25.42
C THR A 38 -8.96 -2.00 -24.69
N ALA A 39 -7.71 -2.45 -24.72
CA ALA A 39 -6.56 -1.71 -24.25
C ALA A 39 -5.74 -1.27 -25.48
N ALA A 40 -5.79 0.02 -25.80
CA ALA A 40 -5.03 0.55 -26.94
C ALA A 40 -3.75 1.21 -26.44
N LEU A 41 -2.64 0.50 -26.65
CA LEU A 41 -1.32 0.89 -26.15
C LEU A 41 -0.53 1.66 -27.22
N THR A 42 -0.13 2.89 -26.89
CA THR A 42 0.75 3.65 -27.79
C THR A 42 2.18 3.29 -27.44
N VAL A 43 2.84 2.56 -28.33
CA VAL A 43 4.18 2.05 -28.04
C VAL A 43 5.22 2.68 -28.95
N GLN A 44 6.29 3.19 -28.32
CA GLN A 44 7.45 3.70 -29.03
C GLN A 44 8.59 2.69 -29.01
N SER A 45 9.12 2.38 -30.18
CA SER A 45 10.29 1.51 -30.28
C SER A 45 11.55 2.20 -29.73
N GLN A 46 12.40 1.41 -29.08
CA GLN A 46 13.69 1.91 -28.61
C GLN A 46 14.84 1.29 -29.42
N GLU A 47 14.48 0.38 -30.32
CA GLU A 47 15.42 -0.33 -31.20
C GLU A 47 15.15 -0.10 -32.69
N ASP A 48 16.20 -0.25 -33.49
CA ASP A 48 16.07 -0.40 -34.91
C ASP A 48 15.51 -1.77 -35.27
N ASN A 49 14.76 -1.84 -36.38
CA ASN A 49 14.21 -3.09 -36.94
C ASN A 49 13.38 -3.92 -35.97
N LEU A 50 12.51 -3.25 -35.22
CA LEU A 50 11.70 -3.97 -34.23
C LEU A 50 10.50 -4.67 -34.89
N ARG A 51 10.33 -5.96 -34.60
CA ARG A 51 9.34 -6.81 -35.29
C ARG A 51 8.38 -7.56 -34.35
N SER A 52 8.72 -7.60 -33.06
CA SER A 52 7.83 -8.19 -32.07
C SER A 52 8.09 -7.57 -30.72
N LEU A 53 7.10 -7.64 -29.85
CA LEU A 53 7.26 -7.27 -28.45
C LEU A 53 6.44 -8.21 -27.54
N VAL A 54 6.73 -8.15 -26.25
CA VAL A 54 6.12 -9.04 -25.29
C VAL A 54 5.49 -8.21 -24.18
N LEU A 55 4.30 -8.64 -23.77
CA LEU A 55 3.54 -7.96 -22.74
C LEU A 55 3.23 -8.92 -21.59
N ASP A 56 3.07 -8.38 -20.39
CA ASP A 56 2.59 -9.20 -19.28
C ASP A 56 1.09 -9.40 -19.43
N THR A 57 0.62 -10.58 -19.01
CA THR A 57 -0.81 -10.86 -18.79
C THR A 57 -0.96 -11.81 -17.62
N LYS A 58 -2.15 -11.85 -17.04
CA LYS A 58 -2.42 -12.80 -15.97
C LYS A 58 -3.91 -13.08 -15.90
N ASP A 59 -4.26 -14.32 -16.25
CA ASP A 59 -5.65 -14.77 -16.28
C ASP A 59 -6.53 -13.88 -17.18
N LEU A 60 -5.96 -13.45 -18.31
CA LEU A 60 -6.74 -12.71 -19.29
C LEU A 60 -7.15 -13.58 -20.46
N THR A 61 -8.29 -13.29 -21.05
CA THR A 61 -8.67 -13.95 -22.29
C THR A 61 -8.50 -12.92 -23.39
N ILE A 62 -7.62 -13.24 -24.33
CA ILE A 62 -7.35 -12.35 -25.46
C ILE A 62 -8.26 -12.76 -26.62
N GLU A 63 -9.06 -11.83 -27.10
CA GLU A 63 -9.90 -12.10 -28.27
C GLU A 63 -9.10 -11.92 -29.55
N LYS A 64 -8.41 -10.78 -29.65
CA LYS A 64 -7.69 -10.39 -30.85
C LYS A 64 -6.82 -9.19 -30.58
N VAL A 65 -5.88 -8.96 -31.50
CA VAL A 65 -4.93 -7.86 -31.45
C VAL A 65 -4.93 -7.19 -32.83
N VAL A 66 -5.10 -5.86 -32.81
CA VAL A 66 -5.31 -5.10 -34.04
C VAL A 66 -4.27 -3.96 -34.18
N ILE A 67 -3.54 -3.98 -35.29
CA ILE A 67 -2.62 -2.90 -35.62
C ILE A 67 -2.92 -2.41 -37.04
N ASN A 68 -3.15 -1.10 -37.19
CA ASN A 68 -3.52 -0.50 -38.48
C ASN A 68 -4.81 -1.09 -39.03
N GLY A 69 -5.78 -1.30 -38.15
CA GLY A 69 -7.11 -1.80 -38.53
C GLY A 69 -7.10 -3.21 -39.10
N GLN A 70 -6.05 -3.98 -38.80
CA GLN A 70 -5.96 -5.39 -39.19
C GLN A 70 -5.51 -6.22 -38.00
N GLU A 71 -6.12 -7.39 -37.84
CA GLU A 71 -5.68 -8.36 -36.85
C GLU A 71 -4.24 -8.83 -37.11
N VAL A 72 -3.45 -8.95 -36.04
CA VAL A 72 -2.08 -9.45 -36.18
C VAL A 72 -1.88 -10.69 -35.32
N LYS A 73 -0.82 -11.45 -35.60
CA LYS A 73 -0.54 -12.67 -34.85
C LYS A 73 0.01 -12.37 -33.46
N TYR A 74 -0.47 -13.14 -32.49
CA TYR A 74 0.00 -13.11 -31.11
C TYR A 74 0.03 -14.53 -30.55
N ALA A 75 0.72 -14.71 -29.42
CA ALA A 75 0.72 -15.99 -28.73
C ALA A 75 0.90 -15.76 -27.23
N LEU A 76 0.23 -16.57 -26.43
CA LEU A 76 0.43 -16.56 -24.98
C LEU A 76 1.34 -17.73 -24.57
N GLY A 77 2.41 -17.41 -23.85
CA GLY A 77 3.31 -18.43 -23.35
C GLY A 77 2.70 -19.15 -22.16
N GLU A 78 3.42 -20.12 -21.64
CA GLU A 78 2.98 -20.85 -20.46
C GLU A 78 2.94 -19.95 -19.23
N ARG A 79 2.01 -20.22 -18.33
CA ARG A 79 1.93 -19.46 -17.10
C ARG A 79 3.22 -19.68 -16.31
N GLN A 80 3.79 -18.60 -15.79
CA GLN A 80 4.91 -18.72 -14.87
C GLN A 80 4.45 -18.23 -13.52
N SER A 81 3.63 -19.06 -12.88
CA SER A 81 3.17 -18.84 -11.52
C SER A 81 2.54 -17.45 -11.36
N TYR A 82 2.93 -16.74 -10.30
CA TYR A 82 2.39 -15.42 -9.96
C TYR A 82 2.75 -14.32 -10.98
N LYS A 83 3.74 -14.57 -11.81
CA LYS A 83 4.14 -13.63 -12.87
C LYS A 83 3.16 -13.60 -14.04
N GLY A 84 2.34 -14.65 -14.17
CA GLY A 84 1.34 -14.76 -15.24
C GLY A 84 1.87 -15.36 -16.53
N SER A 85 1.21 -15.04 -17.64
CA SER A 85 1.59 -15.58 -18.94
C SER A 85 2.11 -14.46 -19.86
N PRO A 86 3.24 -14.68 -20.54
CA PRO A 86 3.73 -13.63 -21.46
C PRO A 86 3.01 -13.63 -22.81
N MET A 87 2.64 -12.45 -23.31
CA MET A 87 1.97 -12.35 -24.60
C MET A 87 2.88 -11.67 -25.66
N GLU A 88 3.28 -12.45 -26.65
CA GLU A 88 4.16 -12.00 -27.70
C GLU A 88 3.34 -11.57 -28.90
N ILE A 89 3.55 -10.34 -29.35
CA ILE A 89 2.80 -9.79 -30.47
C ILE A 89 3.73 -9.68 -31.67
N SER A 90 3.26 -10.14 -32.83
CA SER A 90 4.03 -9.97 -34.07
C SER A 90 3.61 -8.69 -34.75
N LEU A 91 4.57 -7.78 -34.92
CA LEU A 91 4.29 -6.49 -35.53
C LEU A 91 4.17 -6.63 -37.04
N PRO A 92 3.17 -5.96 -37.66
CA PRO A 92 2.99 -6.14 -39.09
C PRO A 92 4.09 -5.48 -39.94
N ILE A 93 4.83 -4.53 -39.35
CA ILE A 93 5.86 -3.77 -40.05
C ILE A 93 6.98 -3.47 -39.07
N ALA A 94 8.22 -3.79 -39.46
CA ALA A 94 9.40 -3.44 -38.67
C ALA A 94 9.42 -1.95 -38.34
N LEU A 95 9.68 -1.64 -37.07
CA LEU A 95 9.77 -0.26 -36.61
C LEU A 95 11.21 0.15 -36.51
N SER A 96 11.47 1.42 -36.78
CA SER A 96 12.79 1.97 -36.48
C SER A 96 12.78 2.62 -35.10
N LYS A 97 13.95 2.97 -34.58
CA LYS A 97 14.05 3.58 -33.26
C LYS A 97 13.21 4.84 -33.17
N ASN A 98 12.36 4.92 -32.13
CA ASN A 98 11.51 6.08 -31.83
C ASN A 98 10.21 6.15 -32.62
N GLN A 99 9.96 5.16 -33.49
CA GLN A 99 8.72 5.15 -34.21
C GLN A 99 7.65 4.78 -33.22
N GLU A 100 6.45 5.31 -33.38
CA GLU A 100 5.33 4.93 -32.52
C GLU A 100 4.21 4.24 -33.28
N ILE A 101 3.57 3.27 -32.63
CA ILE A 101 2.42 2.62 -33.21
C ILE A 101 1.36 2.44 -32.13
N VAL A 102 0.11 2.28 -32.56
CA VAL A 102 -0.95 1.92 -31.63
C VAL A 102 -1.33 0.43 -31.76
N ILE A 103 -1.34 -0.26 -30.64
CA ILE A 103 -1.73 -1.66 -30.61
C ILE A 103 -2.99 -1.78 -29.77
N GLU A 104 -4.05 -2.31 -30.40
CA GLU A 104 -5.33 -2.42 -29.75
C GLU A 104 -5.70 -3.86 -29.36
N ILE A 105 -5.71 -4.15 -28.06
CA ILE A 105 -5.98 -5.51 -27.62
C ILE A 105 -7.36 -5.66 -27.03
N SER A 106 -8.15 -6.53 -27.65
CA SER A 106 -9.43 -6.94 -27.10
C SER A 106 -9.19 -8.09 -26.11
N PHE A 107 -9.72 -7.92 -24.91
CA PHE A 107 -9.42 -8.83 -23.82
C PHE A 107 -10.63 -8.92 -22.88
N GLU A 108 -10.53 -9.86 -21.95
CA GLU A 108 -11.51 -10.00 -20.90
C GLU A 108 -10.75 -10.50 -19.67
N THR A 109 -11.11 -10.00 -18.50
CA THR A 109 -10.53 -10.48 -17.24
C THR A 109 -11.23 -11.75 -16.76
N SER A 110 -10.54 -12.51 -15.91
CA SER A 110 -11.12 -13.67 -15.22
C SER A 110 -11.74 -13.22 -13.89
N PRO A 111 -12.81 -13.91 -13.42
CA PRO A 111 -13.37 -13.50 -12.11
C PRO A 111 -12.37 -13.67 -10.98
N LYS A 112 -11.35 -14.50 -11.19
CA LYS A 112 -10.34 -14.71 -10.16
C LYS A 112 -9.14 -13.75 -10.26
N SER A 113 -9.24 -12.76 -11.15
CA SER A 113 -8.23 -11.71 -11.28
C SER A 113 -7.71 -11.28 -9.88
N SER A 114 -6.42 -11.52 -9.65
CA SER A 114 -5.75 -11.15 -8.39
C SER A 114 -5.69 -9.63 -8.21
N ALA A 115 -6.00 -8.90 -9.28
CA ALA A 115 -6.13 -7.44 -9.21
C ALA A 115 -7.46 -6.95 -8.60
N LEU A 116 -8.50 -7.76 -8.69
CA LEU A 116 -9.86 -7.30 -8.37
C LEU A 116 -10.49 -8.00 -7.18
N GLN A 117 -11.37 -7.29 -6.47
CA GLN A 117 -12.33 -7.93 -5.61
C GLN A 117 -13.75 -7.54 -6.01
N TRP A 118 -14.57 -8.55 -6.27
CA TRP A 118 -15.99 -8.39 -6.55
C TRP A 118 -16.79 -8.62 -5.27
N LEU A 119 -17.63 -7.64 -4.95
CA LEU A 119 -18.39 -7.70 -3.73
C LEU A 119 -19.84 -7.79 -4.10
N THR A 120 -20.54 -8.73 -3.47
CA THR A 120 -21.99 -8.84 -3.58
C THR A 120 -22.60 -7.68 -2.78
N PRO A 121 -23.91 -7.39 -2.97
CA PRO A 121 -24.57 -6.34 -2.20
C PRO A 121 -24.46 -6.50 -0.68
N GLU A 122 -24.53 -7.73 -0.18
CA GLU A 122 -24.48 -7.96 1.28
C GLU A 122 -23.08 -7.72 1.87
N GLN A 123 -22.09 -7.63 0.99
CA GLN A 123 -20.74 -7.35 1.41
C GLN A 123 -20.47 -5.87 1.47
N THR A 124 -21.47 -5.08 1.06
CA THR A 124 -21.35 -3.62 1.08
C THR A 124 -22.08 -2.99 2.29
N SER A 125 -21.95 -1.68 2.47
CA SER A 125 -22.70 -0.94 3.49
C SER A 125 -24.20 -0.84 3.18
N GLY A 126 -24.53 -0.51 1.93
CA GLY A 126 -25.94 -0.25 1.54
C GLY A 126 -26.82 -1.48 1.36
N LYS A 127 -26.20 -2.64 1.14
CA LYS A 127 -26.92 -3.92 1.01
C LYS A 127 -27.78 -3.98 -0.26
N GLU A 128 -27.69 -2.96 -1.10
CA GLU A 128 -28.50 -2.92 -2.32
C GLU A 128 -27.72 -3.19 -3.61
N HIS A 129 -26.42 -2.90 -3.62
CA HIS A 129 -25.63 -2.90 -4.85
C HIS A 129 -24.30 -3.61 -4.72
N PRO A 130 -23.80 -4.22 -5.81
CA PRO A 130 -22.47 -4.78 -5.69
C PRO A 130 -21.39 -3.66 -5.83
N TYR A 131 -20.13 -4.06 -5.81
CA TYR A 131 -19.00 -3.15 -5.65
C TYR A 131 -17.78 -3.83 -6.27
N LEU A 132 -16.99 -3.05 -6.96
CA LEU A 132 -15.73 -3.51 -7.53
C LEU A 132 -14.66 -2.53 -7.10
N PHE A 133 -13.52 -3.06 -6.64
CA PHE A 133 -12.31 -2.24 -6.49
C PHE A 133 -11.04 -2.94 -7.00
N SER A 134 -10.09 -2.14 -7.47
CA SER A 134 -8.81 -2.70 -7.94
C SER A 134 -7.67 -2.43 -6.97
N GLN A 135 -6.64 -3.26 -7.03
CA GLN A 135 -5.40 -3.04 -6.30
C GLN A 135 -4.21 -3.58 -7.13
N CYS A 136 -3.52 -2.69 -7.85
CA CYS A 136 -2.55 -3.12 -8.85
C CYS A 136 -1.13 -3.35 -8.33
N GLN A 137 -0.76 -2.65 -7.27
CA GLN A 137 0.57 -2.77 -6.69
C GLN A 137 0.69 -4.09 -5.95
N ALA A 138 1.77 -4.84 -6.20
CA ALA A 138 2.87 -4.44 -7.10
C ALA A 138 2.62 -4.82 -8.56
N ILE A 139 2.39 -6.11 -8.81
CA ILE A 139 2.32 -6.65 -10.18
C ILE A 139 0.95 -7.29 -10.53
N HIS A 140 -0.12 -6.54 -10.28
CA HIS A 140 -1.47 -7.05 -10.54
C HIS A 140 -2.14 -6.36 -11.68
N CYS A 141 -1.60 -5.24 -12.14
CA CYS A 141 -2.14 -4.57 -13.33
C CYS A 141 -2.29 -5.53 -14.51
N ARG A 142 -1.36 -6.49 -14.63
CA ARG A 142 -1.40 -7.49 -15.70
C ARG A 142 -2.62 -8.40 -15.65
N ALA A 143 -3.25 -8.46 -14.48
CA ALA A 143 -4.50 -9.19 -14.27
C ALA A 143 -5.73 -8.36 -14.62
N ILE A 144 -5.53 -7.12 -15.07
CA ILE A 144 -6.65 -6.32 -15.62
C ILE A 144 -6.54 -6.12 -17.14
N LEU A 145 -5.33 -5.85 -17.61
CA LEU A 145 -5.09 -5.54 -19.02
C LEU A 145 -3.66 -5.89 -19.42
N PRO A 146 -3.44 -6.27 -20.70
CA PRO A 146 -2.06 -6.55 -21.10
C PRO A 146 -1.20 -5.28 -21.00
N CYS A 147 0.00 -5.39 -20.47
CA CYS A 147 0.86 -4.22 -20.33
C CYS A 147 2.30 -4.63 -19.98
N GLN A 148 3.22 -3.68 -20.12
CA GLN A 148 4.56 -3.84 -19.59
C GLN A 148 4.49 -3.59 -18.08
N ASP A 149 4.25 -4.68 -17.33
CA ASP A 149 3.90 -4.56 -15.94
C ASP A 149 5.14 -4.34 -15.07
N THR A 150 5.76 -3.17 -15.27
CA THR A 150 7.01 -2.80 -14.64
C THR A 150 7.00 -1.31 -14.33
N PRO A 151 7.45 -0.93 -13.12
CA PRO A 151 7.44 0.48 -12.77
C PRO A 151 8.51 1.31 -13.48
N SER A 152 9.30 0.64 -14.33
CA SER A 152 10.37 1.31 -15.08
C SER A 152 9.86 2.05 -16.32
N VAL A 153 8.55 1.96 -16.56
CA VAL A 153 7.88 2.53 -17.72
C VAL A 153 6.75 3.43 -17.19
N LYS A 154 6.65 4.63 -17.76
CA LYS A 154 5.62 5.58 -17.34
C LYS A 154 4.83 6.00 -18.54
N LEU A 155 3.52 5.96 -18.40
CA LEU A 155 2.61 6.27 -19.48
C LEU A 155 1.53 7.17 -18.94
N THR A 156 0.88 7.91 -19.83
CA THR A 156 -0.32 8.65 -19.50
C THR A 156 -1.49 7.73 -19.83
N TYR A 157 -2.67 8.08 -19.36
CA TYR A 157 -3.83 7.29 -19.75
C TYR A 157 -5.14 8.05 -19.88
N THR A 158 -5.99 7.52 -20.76
CA THR A 158 -7.37 7.97 -20.88
C THR A 158 -8.25 6.73 -20.74
N ALA A 159 -9.48 6.89 -20.26
CA ALA A 159 -10.37 5.75 -20.06
C ALA A 159 -11.85 6.09 -20.19
N GLU A 160 -12.62 5.12 -20.68
CA GLU A 160 -14.07 5.17 -20.73
C GLU A 160 -14.61 3.88 -20.17
N VAL A 161 -15.43 3.96 -19.12
CA VAL A 161 -15.85 2.77 -18.37
C VAL A 161 -17.36 2.70 -18.28
N SER A 162 -17.93 1.67 -18.90
CA SER A 162 -19.39 1.45 -18.86
C SER A 162 -19.80 0.56 -17.69
N VAL A 163 -20.81 1.03 -16.95
CA VAL A 163 -21.24 0.42 -15.70
C VAL A 163 -22.76 0.56 -15.55
N PRO A 164 -23.41 -0.35 -14.77
CA PRO A 164 -24.83 -0.15 -14.56
C PRO A 164 -25.08 1.31 -14.13
N LYS A 165 -26.14 1.91 -14.65
CA LYS A 165 -26.29 3.37 -14.56
C LYS A 165 -26.44 3.89 -13.13
N GLU A 166 -26.97 3.05 -12.25
CA GLU A 166 -27.18 3.44 -10.87
C GLU A 166 -25.89 3.46 -10.06
N LEU A 167 -24.80 2.97 -10.65
CA LEU A 167 -23.49 2.98 -9.99
C LEU A 167 -22.52 4.09 -10.49
N VAL A 168 -21.44 4.31 -9.73
CA VAL A 168 -20.43 5.33 -10.05
C VAL A 168 -19.06 4.67 -10.30
N ALA A 169 -18.42 5.07 -11.39
CA ALA A 169 -17.02 4.69 -11.64
C ALA A 169 -16.08 5.82 -11.23
N LEU A 170 -14.98 5.45 -10.57
CA LEU A 170 -13.87 6.39 -10.35
C LEU A 170 -12.55 5.69 -10.63
N MET A 171 -11.55 6.48 -11.06
CA MET A 171 -10.23 5.98 -11.41
C MET A 171 -9.15 6.91 -10.87
N SER A 172 -7.88 6.48 -10.95
CA SER A 172 -6.75 7.34 -10.59
C SER A 172 -6.41 8.35 -11.70
N ALA A 173 -7.26 9.36 -11.82
CA ALA A 173 -7.26 10.26 -12.98
C ALA A 173 -8.30 11.35 -12.74
N ILE A 174 -8.22 12.44 -13.50
CA ILE A 174 -9.22 13.51 -13.41
C ILE A 174 -10.52 13.02 -14.07
N ARG A 175 -11.64 13.19 -13.36
CA ARG A 175 -12.98 12.84 -13.85
C ARG A 175 -13.30 13.76 -15.02
N ASP A 176 -13.72 13.15 -16.12
CA ASP A 176 -13.83 13.87 -17.36
C ASP A 176 -15.20 13.76 -18.04
N GLY A 177 -16.25 13.46 -17.27
CA GLY A 177 -17.61 13.45 -17.81
C GLY A 177 -18.29 12.10 -17.78
N GLU A 178 -19.62 12.14 -17.90
CA GLU A 178 -20.44 10.92 -17.99
C GLU A 178 -21.47 11.11 -19.08
N THR A 179 -21.94 10.00 -19.65
CA THR A 179 -23.04 10.00 -20.62
C THR A 179 -23.67 8.62 -20.54
N PRO A 180 -24.97 8.51 -20.89
CA PRO A 180 -25.60 7.19 -21.01
C PRO A 180 -24.84 6.40 -22.08
N ASP A 181 -24.78 5.08 -21.91
CA ASP A 181 -24.10 4.20 -22.87
C ASP A 181 -24.98 3.97 -24.10
N PRO A 182 -24.56 4.47 -25.29
CA PRO A 182 -25.35 4.30 -26.53
C PRO A 182 -25.68 2.85 -26.93
N GLU A 183 -24.98 1.88 -26.37
CA GLU A 183 -25.18 0.45 -26.69
C GLU A 183 -26.05 -0.28 -25.65
N ASP A 184 -26.46 0.45 -24.61
CA ASP A 184 -27.16 -0.12 -23.48
C ASP A 184 -27.62 0.99 -22.52
N PRO A 185 -28.90 1.41 -22.64
CA PRO A 185 -29.49 2.46 -21.79
C PRO A 185 -29.62 2.11 -20.30
N SER A 186 -29.29 0.87 -19.92
CA SER A 186 -29.26 0.53 -18.50
C SER A 186 -27.90 0.91 -17.92
N ARG A 187 -27.08 1.60 -18.73
CA ARG A 187 -25.67 1.83 -18.40
C ARG A 187 -25.20 3.27 -18.61
N LYS A 188 -24.15 3.63 -17.87
CA LYS A 188 -23.47 4.92 -18.02
C LYS A 188 -22.03 4.67 -18.45
N ILE A 189 -21.50 5.58 -19.28
CA ILE A 189 -20.05 5.64 -19.50
C ILE A 189 -19.47 6.80 -18.68
N TYR A 190 -18.50 6.48 -17.83
CA TYR A 190 -17.73 7.49 -17.11
C TYR A 190 -16.39 7.65 -17.82
N LYS A 191 -15.90 8.88 -17.92
CA LYS A 191 -14.65 9.14 -18.65
C LYS A 191 -13.58 9.73 -17.75
N PHE A 192 -12.32 9.47 -18.10
CA PHE A 192 -11.15 9.78 -17.25
C PHE A 192 -9.91 10.14 -18.05
N ILE A 193 -9.14 11.12 -17.57
CA ILE A 193 -7.84 11.43 -18.14
C ILE A 193 -6.75 11.55 -17.06
N GLN A 194 -5.61 10.93 -17.33
CA GLN A 194 -4.44 11.06 -16.49
C GLN A 194 -3.31 11.63 -17.36
N LYS A 195 -3.01 12.92 -17.17
CA LYS A 195 -2.08 13.67 -18.05
C LYS A 195 -0.63 13.55 -17.59
N VAL A 196 -0.45 13.06 -16.37
CA VAL A 196 0.88 12.88 -15.80
C VAL A 196 1.30 11.42 -16.03
N PRO A 197 2.47 11.21 -16.66
CA PRO A 197 2.93 9.83 -16.90
C PRO A 197 3.12 9.08 -15.59
N ILE A 198 2.60 7.87 -15.53
CA ILE A 198 2.62 7.08 -14.29
C ILE A 198 3.13 5.66 -14.56
N PRO A 199 3.70 5.00 -13.53
CA PRO A 199 3.90 3.55 -13.66
C PRO A 199 2.52 2.88 -13.67
N CYS A 200 2.39 1.75 -14.34
CA CYS A 200 1.06 1.16 -14.50
C CYS A 200 0.47 0.59 -13.19
N TYR A 201 1.30 0.43 -12.15
CA TYR A 201 0.78 -0.04 -10.87
C TYR A 201 -0.10 1.00 -10.20
N LEU A 202 -0.05 2.23 -10.72
CA LEU A 202 -0.88 3.35 -10.22
C LEU A 202 -2.27 3.47 -10.88
N ILE A 203 -2.54 2.62 -11.87
CA ILE A 203 -3.88 2.51 -12.46
C ILE A 203 -4.82 1.87 -11.43
N ALA A 204 -5.97 2.49 -11.21
CA ALA A 204 -6.96 2.02 -10.25
C ALA A 204 -8.38 2.30 -10.74
N LEU A 205 -9.31 1.47 -10.27
CA LEU A 205 -10.72 1.59 -10.62
C LEU A 205 -11.59 1.22 -9.43
N VAL A 206 -12.69 1.95 -9.26
CA VAL A 206 -13.75 1.54 -8.33
C VAL A 206 -15.11 1.71 -8.98
N VAL A 207 -15.99 0.74 -8.75
CA VAL A 207 -17.38 0.82 -9.19
C VAL A 207 -18.31 0.41 -8.03
N GLY A 208 -19.26 1.30 -7.70
CA GLY A 208 -20.11 1.13 -6.53
C GLY A 208 -21.10 2.25 -6.36
N ALA A 209 -21.89 2.17 -5.30
CA ALA A 209 -22.92 3.16 -4.98
C ALA A 209 -22.27 4.24 -4.15
N LEU A 210 -21.51 5.09 -4.83
CA LEU A 210 -20.62 6.05 -4.17
C LEU A 210 -21.18 7.46 -4.10
N GLU A 211 -20.85 8.13 -3.01
CA GLU A 211 -21.19 9.53 -2.82
C GLU A 211 -19.98 10.29 -2.36
N SER A 212 -20.08 11.61 -2.41
CA SER A 212 -18.94 12.47 -2.13
C SER A 212 -19.34 13.67 -1.28
N ARG A 213 -18.39 14.13 -0.48
CA ARG A 213 -18.53 15.40 0.21
C ARG A 213 -17.18 16.12 0.13
N GLN A 214 -17.23 17.43 -0.10
CA GLN A 214 -16.01 18.25 -0.13
C GLN A 214 -15.47 18.54 1.26
N ILE A 215 -14.16 18.34 1.44
CA ILE A 215 -13.52 18.60 2.75
C ILE A 215 -12.40 19.64 2.68
N GLY A 216 -12.03 20.01 1.46
CA GLY A 216 -11.02 21.02 1.23
C GLY A 216 -11.11 21.57 -0.18
N PRO A 217 -10.32 22.61 -0.51
CA PRO A 217 -10.31 23.23 -1.85
C PRO A 217 -10.01 22.28 -3.03
N ARG A 218 -9.30 21.18 -2.77
CA ARG A 218 -8.97 20.24 -3.84
C ARG A 218 -9.23 18.78 -3.44
N THR A 219 -10.12 18.57 -2.46
CA THR A 219 -10.39 17.23 -1.92
C THR A 219 -11.88 16.93 -1.73
N LEU A 220 -12.35 15.88 -2.40
CA LEU A 220 -13.63 15.29 -2.08
C LEU A 220 -13.33 13.96 -1.46
N VAL A 221 -14.11 13.61 -0.44
CA VAL A 221 -14.07 12.28 0.14
C VAL A 221 -15.23 11.47 -0.48
N TRP A 222 -14.93 10.24 -0.89
CA TRP A 222 -15.87 9.33 -1.55
C TRP A 222 -16.05 8.07 -0.71
N SER A 223 -17.30 7.64 -0.53
CA SER A 223 -17.64 6.34 0.07
C SER A 223 -19.10 6.04 -0.17
N GLU A 224 -19.59 4.88 0.28
CA GLU A 224 -21.02 4.64 0.37
C GLU A 224 -21.58 5.69 1.33
N LYS A 225 -22.86 6.03 1.18
CA LYS A 225 -23.49 7.12 1.94
C LYS A 225 -23.34 6.98 3.46
N GLU A 226 -23.33 5.73 3.93
CA GLU A 226 -23.23 5.41 5.35
C GLU A 226 -21.89 5.82 5.97
N GLN A 227 -20.85 5.99 5.16
CA GLN A 227 -19.53 6.34 5.70
C GLN A 227 -19.13 7.77 5.47
N VAL A 228 -19.94 8.53 4.75
CA VAL A 228 -19.51 9.83 4.28
C VAL A 228 -19.20 10.82 5.39
N GLU A 229 -20.16 10.99 6.31
CA GLU A 229 -20.07 11.99 7.39
C GLU A 229 -18.87 11.73 8.29
N LYS A 230 -18.76 10.48 8.74
CA LYS A 230 -17.62 10.06 9.54
C LYS A 230 -16.30 10.29 8.83
N SER A 231 -16.24 9.95 7.55
CA SER A 231 -15.03 10.14 6.72
C SER A 231 -14.66 11.61 6.53
N ALA A 232 -15.69 12.45 6.32
CA ALA A 232 -15.46 13.87 6.17
C ALA A 232 -14.75 14.42 7.44
N TYR A 233 -15.17 13.95 8.61
CA TYR A 233 -14.55 14.34 9.88
C TYR A 233 -13.17 13.71 10.07
N GLU A 234 -13.05 12.39 9.99
CA GLU A 234 -11.74 11.70 10.20
C GLU A 234 -10.58 12.34 9.42
N PHE A 235 -10.85 12.76 8.20
CA PHE A 235 -9.79 13.22 7.28
C PHE A 235 -9.73 14.74 7.03
N SER A 236 -10.27 15.51 7.97
CA SER A 236 -10.37 16.96 7.79
C SER A 236 -9.03 17.69 7.79
N GLU A 237 -7.96 17.02 8.25
CA GLU A 237 -6.61 17.62 8.27
C GLU A 237 -5.93 17.58 6.89
N THR A 238 -6.62 16.99 5.91
CA THR A 238 -6.06 16.67 4.58
C THR A 238 -5.46 17.88 3.82
N GLU A 239 -6.25 18.94 3.68
CA GLU A 239 -5.73 20.19 3.10
C GLU A 239 -4.46 20.72 3.80
N SER A 240 -4.47 20.74 5.13
CA SER A 240 -3.32 21.16 5.92
C SER A 240 -2.08 20.34 5.62
N MET A 241 -2.27 19.02 5.59
CA MET A 241 -1.19 18.09 5.24
C MET A 241 -0.64 18.33 3.84
N LEU A 242 -1.51 18.64 2.88
CA LEU A 242 -1.07 18.92 1.51
C LEU A 242 -0.18 20.15 1.45
N LYS A 243 -0.56 21.19 2.20
CA LYS A 243 0.20 22.41 2.18
C LYS A 243 1.61 22.18 2.76
N ILE A 244 1.70 21.30 3.76
CA ILE A 244 3.00 20.99 4.36
C ILE A 244 3.82 20.12 3.42
N ALA A 245 3.16 19.13 2.80
CA ALA A 245 3.82 18.31 1.81
C ALA A 245 4.28 19.12 0.58
N GLU A 246 3.51 20.14 0.22
CA GLU A 246 3.88 21.01 -0.90
C GLU A 246 5.08 21.84 -0.54
N ASP A 247 5.11 22.33 0.68
CA ASP A 247 6.25 23.05 1.20
C ASP A 247 7.53 22.19 1.27
N LEU A 248 7.39 20.92 1.66
CA LEU A 248 8.56 20.03 1.75
C LEU A 248 9.02 19.45 0.42
N GLY A 249 8.08 19.05 -0.42
CA GLY A 249 8.42 18.35 -1.65
C GLY A 249 8.31 19.16 -2.93
N GLY A 250 7.68 20.32 -2.84
CA GLY A 250 7.47 21.15 -4.03
C GLY A 250 6.03 21.03 -4.49
N PRO A 251 5.72 21.66 -5.63
CA PRO A 251 4.34 21.79 -6.11
C PRO A 251 3.64 20.45 -6.26
N TYR A 252 2.37 20.41 -5.89
CA TYR A 252 1.54 19.24 -6.07
C TYR A 252 1.05 19.31 -7.50
N VAL A 253 1.43 18.33 -8.32
CA VAL A 253 1.25 18.39 -9.79
C VAL A 253 0.01 17.70 -10.33
N TRP A 254 -0.80 17.12 -9.44
CA TRP A 254 -1.82 16.15 -9.90
C TRP A 254 -3.22 16.72 -10.02
N GLY A 255 -3.40 18.01 -9.72
CA GLY A 255 -4.71 18.65 -9.80
C GLY A 255 -5.47 18.51 -8.49
N GLN A 256 -6.28 17.47 -8.38
CA GLN A 256 -7.04 17.21 -7.15
C GLN A 256 -6.39 16.16 -6.26
N TYR A 257 -6.73 16.18 -4.98
CA TYR A 257 -6.37 15.10 -4.08
C TYR A 257 -7.61 14.56 -3.38
N ASP A 258 -8.25 13.56 -3.97
CA ASP A 258 -9.47 12.98 -3.42
C ASP A 258 -9.19 11.71 -2.63
N LEU A 259 -10.13 11.38 -1.76
CA LEU A 259 -10.02 10.23 -0.88
C LEU A 259 -11.18 9.28 -1.12
N LEU A 260 -10.87 8.00 -1.27
CA LEU A 260 -11.89 6.98 -1.38
C LEU A 260 -11.79 6.06 -0.17
N VAL A 261 -12.92 5.90 0.51
CA VAL A 261 -12.95 5.05 1.69
C VAL A 261 -13.59 3.73 1.28
N LEU A 262 -12.77 2.68 1.33
CA LEU A 262 -13.18 1.41 0.77
C LEU A 262 -13.98 0.57 1.74
N PRO A 263 -14.61 -0.49 1.24
CA PRO A 263 -15.23 -1.45 2.13
C PRO A 263 -14.14 -2.08 3.00
N PRO A 264 -14.55 -2.80 4.07
CA PRO A 264 -13.55 -3.18 5.07
C PRO A 264 -12.51 -4.20 4.61
N SER A 265 -12.72 -4.82 3.46
CA SER A 265 -11.80 -5.86 2.95
C SER A 265 -10.63 -5.34 2.11
N PHE A 266 -10.49 -4.02 1.97
CA PHE A 266 -9.31 -3.46 1.31
C PHE A 266 -8.05 -3.96 2.04
N PRO A 267 -7.08 -4.52 1.31
CA PRO A 267 -5.97 -5.25 1.99
C PRO A 267 -4.88 -4.39 2.65
N TYR A 268 -4.82 -3.11 2.28
CA TYR A 268 -3.83 -2.18 2.84
C TYR A 268 -4.42 -1.01 3.63
N GLY A 269 -3.57 -0.34 4.41
CA GLY A 269 -3.97 0.89 5.06
C GLY A 269 -4.37 1.95 4.04
N GLY A 270 -3.55 2.05 2.99
CA GLY A 270 -3.74 3.02 1.93
C GLY A 270 -3.07 2.60 0.63
N MET A 271 -3.54 3.17 -0.48
CA MET A 271 -2.91 3.02 -1.78
C MET A 271 -2.93 4.37 -2.51
N GLU A 272 -1.74 4.90 -2.75
CA GLU A 272 -1.50 6.26 -3.24
C GLU A 272 -1.85 6.47 -4.72
N ASN A 273 -2.99 5.95 -5.15
CA ASN A 273 -3.44 6.11 -6.53
C ASN A 273 -3.57 7.59 -6.85
N PRO A 274 -2.97 8.05 -7.96
CA PRO A 274 -2.92 9.48 -8.32
C PRO A 274 -4.32 10.09 -8.42
N CYS A 275 -4.55 11.24 -7.77
CA CYS A 275 -5.84 11.93 -7.74
C CYS A 275 -6.86 11.32 -6.77
N LEU A 276 -6.73 10.03 -6.48
CA LEU A 276 -7.75 9.33 -5.71
C LEU A 276 -7.10 8.30 -4.79
N THR A 277 -6.69 8.72 -3.60
CA THR A 277 -6.08 7.81 -2.64
C THR A 277 -7.16 6.87 -2.12
N PHE A 278 -6.83 5.59 -2.08
CA PHE A 278 -7.69 4.58 -1.49
C PHE A 278 -7.25 4.38 -0.04
N VAL A 279 -8.22 4.33 0.89
CA VAL A 279 -7.92 4.05 2.32
C VAL A 279 -8.83 2.97 2.97
N THR A 280 -8.32 2.33 4.01
CA THR A 280 -9.09 1.36 4.78
C THR A 280 -10.12 2.10 5.65
N PRO A 281 -11.34 1.54 5.81
CA PRO A 281 -12.25 2.20 6.76
C PRO A 281 -11.81 1.93 8.22
N THR A 282 -10.72 1.18 8.39
CA THR A 282 -10.20 0.91 9.72
C THR A 282 -9.50 2.14 10.30
N LEU A 283 -9.37 3.21 9.47
CA LEU A 283 -8.86 4.51 9.92
C LEU A 283 -9.91 5.35 10.66
N LEU A 284 -11.19 5.02 10.49
CA LEU A 284 -12.31 5.79 11.05
C LEU A 284 -12.47 5.60 12.56
N ALA A 285 -11.48 6.08 13.31
CA ALA A 285 -11.47 5.88 14.76
C ALA A 285 -12.31 6.92 15.50
N GLY A 286 -12.72 7.98 14.78
CA GLY A 286 -13.58 9.04 15.33
C GLY A 286 -12.86 10.24 15.95
N ASP A 287 -11.53 10.24 15.93
CA ASP A 287 -10.75 11.29 16.59
C ASP A 287 -9.57 11.73 15.75
N LYS A 288 -9.46 11.19 14.54
CA LYS A 288 -8.40 11.55 13.60
C LYS A 288 -7.04 10.94 13.95
N SER A 289 -7.01 10.13 15.03
CA SER A 289 -5.75 9.60 15.55
C SER A 289 -4.94 8.72 14.58
N LEU A 290 -5.55 8.23 13.49
CA LEU A 290 -4.83 7.39 12.53
C LEU A 290 -4.46 8.16 11.25
N SER A 291 -4.49 9.47 11.37
CA SER A 291 -4.32 10.35 10.21
C SER A 291 -2.92 10.32 9.62
N ASN A 292 -1.95 9.78 10.36
CA ASN A 292 -0.60 9.58 9.79
C ASN A 292 -0.68 8.82 8.47
N VAL A 293 -1.62 7.89 8.35
CA VAL A 293 -1.84 7.16 7.08
C VAL A 293 -2.21 8.09 5.92
N ILE A 294 -3.00 9.14 6.17
CA ILE A 294 -3.25 10.19 5.14
C ILE A 294 -1.96 10.94 4.78
N ALA A 295 -1.19 11.35 5.79
CA ALA A 295 0.08 12.03 5.58
C ALA A 295 1.00 11.21 4.67
N HIS A 296 0.99 9.90 4.89
CA HIS A 296 1.78 8.95 4.14
C HIS A 296 1.33 8.91 2.67
N GLU A 297 0.04 8.67 2.44
CA GLU A 297 -0.49 8.64 1.08
C GLU A 297 -0.33 9.97 0.32
N ILE A 298 -0.48 11.09 1.02
CA ILE A 298 -0.21 12.43 0.45
C ILE A 298 1.24 12.51 0.02
N SER A 299 2.15 12.17 0.93
CA SER A 299 3.60 12.20 0.67
C SER A 299 3.97 11.46 -0.60
N HIS A 300 3.25 10.36 -0.88
CA HIS A 300 3.50 9.53 -2.06
C HIS A 300 3.34 10.29 -3.37
N SER A 301 2.66 11.44 -3.33
CA SER A 301 2.47 12.25 -4.53
C SER A 301 3.81 12.84 -5.02
N TRP A 302 4.83 12.74 -4.16
CA TRP A 302 6.20 13.05 -4.53
C TRP A 302 7.06 11.78 -4.55
N THR A 303 7.13 11.11 -3.41
CA THR A 303 7.99 9.93 -3.29
C THR A 303 7.20 8.67 -3.59
N GLY A 304 7.44 8.13 -4.79
CA GLY A 304 6.71 7.00 -5.33
C GLY A 304 6.00 7.34 -6.63
N ASN A 305 5.24 8.44 -6.64
CA ASN A 305 4.48 8.84 -7.84
C ASN A 305 5.17 9.79 -8.83
N LEU A 306 6.07 10.65 -8.35
CA LEU A 306 6.97 11.41 -9.25
C LEU A 306 8.30 10.69 -9.43
N VAL A 307 8.96 10.41 -8.31
CA VAL A 307 10.16 9.58 -8.32
C VAL A 307 9.72 8.16 -8.00
N THR A 308 9.97 7.25 -8.92
CA THR A 308 9.43 5.90 -8.83
C THR A 308 10.55 4.88 -8.81
N ASN A 309 10.43 3.87 -7.94
CA ASN A 309 11.35 2.73 -7.99
C ASN A 309 11.38 2.06 -9.37
N LYS A 310 12.58 1.86 -9.89
CA LYS A 310 12.76 1.30 -11.24
C LYS A 310 12.29 -0.16 -11.30
N THR A 311 12.55 -0.90 -10.22
CA THR A 311 11.98 -2.24 -10.03
C THR A 311 11.62 -2.40 -8.56
N TRP A 312 10.91 -3.47 -8.26
CA TRP A 312 10.53 -3.75 -6.88
C TRP A 312 11.68 -4.12 -5.94
N ASP A 313 12.85 -4.43 -6.51
CA ASP A 313 14.09 -4.56 -5.73
C ASP A 313 14.42 -3.27 -4.96
N HIS A 314 13.91 -2.14 -5.44
CA HIS A 314 14.22 -0.80 -4.91
C HIS A 314 13.00 -0.14 -4.29
N PHE A 315 12.03 -0.98 -3.91
CA PHE A 315 10.80 -0.61 -3.22
C PHE A 315 11.05 0.30 -2.01
N TRP A 316 12.17 0.09 -1.30
CA TRP A 316 12.53 0.98 -0.18
C TRP A 316 12.56 2.48 -0.54
N LEU A 317 12.94 2.78 -1.79
CA LEU A 317 12.97 4.16 -2.25
C LEU A 317 11.57 4.74 -2.14
N ASN A 318 10.59 4.00 -2.67
CA ASN A 318 9.19 4.40 -2.53
C ASN A 318 8.82 4.56 -1.06
N GLU A 319 9.05 3.53 -0.26
CA GLU A 319 8.46 3.50 1.09
C GLU A 319 9.22 4.30 2.15
N GLY A 320 10.55 4.13 2.19
CA GLY A 320 11.37 4.82 3.18
C GLY A 320 11.27 6.34 3.11
N HIS A 321 11.26 6.88 1.88
CA HIS A 321 11.18 8.33 1.73
C HIS A 321 9.81 8.85 2.12
N THR A 322 8.79 8.07 1.79
CA THR A 322 7.41 8.40 2.10
C THR A 322 7.17 8.37 3.60
N VAL A 323 7.71 7.36 4.30
CA VAL A 323 7.67 7.35 5.77
C VAL A 323 8.42 8.58 6.37
N TYR A 324 9.54 8.95 5.76
CA TYR A 324 10.29 10.10 6.18
C TYR A 324 9.49 11.42 6.07
N LEU A 325 8.80 11.63 4.96
CA LEU A 325 8.01 12.85 4.77
C LEU A 325 6.76 12.84 5.65
N GLU A 326 6.17 11.65 5.76
CA GLU A 326 5.01 11.41 6.61
C GLU A 326 5.30 11.90 8.01
N ARG A 327 6.41 11.40 8.54
CA ARG A 327 6.77 11.74 9.90
C ARG A 327 7.05 13.24 10.07
N HIS A 328 7.54 13.87 8.99
CA HIS A 328 7.77 15.32 8.96
C HIS A 328 6.48 16.15 8.99
N ILE A 329 5.44 15.67 8.30
CA ILE A 329 4.14 16.35 8.31
C ILE A 329 3.51 16.32 9.71
N CYS A 330 3.55 15.15 10.35
CA CYS A 330 3.01 14.97 11.69
C CYS A 330 3.82 15.76 12.71
N GLY A 331 5.14 15.72 12.59
CA GLY A 331 6.00 16.59 13.40
C GLY A 331 5.67 18.08 13.26
N ARG A 332 5.33 18.51 12.06
CA ARG A 332 4.91 19.91 11.81
C ARG A 332 3.56 20.19 12.47
N LEU A 333 2.61 19.27 12.32
CA LEU A 333 1.30 19.40 12.96
C LEU A 333 1.35 19.31 14.46
N PHE A 334 2.16 18.40 15.00
CA PHE A 334 2.11 18.11 16.45
C PHE A 334 3.43 18.23 17.20
N GLY A 335 4.51 18.58 16.51
CA GLY A 335 5.78 18.89 17.16
C GLY A 335 6.87 17.83 16.99
N GLU A 336 8.11 18.29 17.00
CA GLU A 336 9.32 17.46 16.86
C GLU A 336 9.42 16.24 17.80
N LYS A 337 8.99 16.39 19.05
CA LYS A 337 8.98 15.25 20.00
C LYS A 337 8.04 14.11 19.55
N PHE A 338 6.97 14.48 18.87
CA PHE A 338 6.03 13.49 18.35
C PHE A 338 6.65 12.77 17.13
N ARG A 339 7.34 13.52 16.28
CA ARG A 339 8.11 12.93 15.17
C ARG A 339 9.06 11.85 15.70
N HIS A 340 9.78 12.17 16.78
CA HIS A 340 10.69 11.22 17.41
C HIS A 340 9.91 10.05 18.01
N PHE A 341 8.77 10.34 18.64
CA PHE A 341 7.96 9.29 19.23
C PHE A 341 7.58 8.23 18.17
N ASN A 342 7.07 8.69 17.02
CA ASN A 342 6.70 7.79 15.91
C ASN A 342 7.89 7.14 15.21
N ALA A 343 9.00 7.87 15.15
CA ALA A 343 10.25 7.32 14.62
C ALA A 343 10.75 6.14 15.47
N LEU A 344 10.68 6.30 16.80
CA LEU A 344 11.18 5.27 17.71
C LEU A 344 10.22 4.08 17.67
N GLY A 345 8.92 4.36 17.59
CA GLY A 345 7.92 3.31 17.36
C GLY A 345 8.23 2.49 16.12
N GLY A 346 8.50 3.19 15.02
CA GLY A 346 8.85 2.54 13.76
C GLY A 346 10.03 1.61 13.88
N TRP A 347 11.04 2.02 14.64
CA TRP A 347 12.19 1.17 14.96
C TRP A 347 11.74 -0.14 15.62
N GLY A 348 10.83 0.01 16.59
CA GLY A 348 10.26 -1.15 17.28
C GLY A 348 9.58 -2.10 16.32
N GLU A 349 8.80 -1.55 15.38
CA GLU A 349 8.16 -2.33 14.33
C GLU A 349 9.21 -3.08 13.48
N LEU A 350 10.35 -2.43 13.25
CA LEU A 350 11.46 -3.07 12.54
C LEU A 350 12.10 -4.23 13.35
N GLN A 351 12.21 -4.07 14.67
CA GLN A 351 12.71 -5.17 15.51
C GLN A 351 11.78 -6.35 15.38
N ASN A 352 10.48 -6.07 15.31
CA ASN A 352 9.46 -7.11 15.19
C ASN A 352 9.60 -7.90 13.87
N SER A 353 9.61 -7.17 12.75
CA SER A 353 9.84 -7.74 11.43
C SER A 353 11.09 -8.64 11.33
N VAL A 354 12.24 -8.10 11.77
CA VAL A 354 13.52 -8.83 11.76
C VAL A 354 13.43 -10.08 12.63
N LYS A 355 12.74 -9.97 13.75
CA LYS A 355 12.56 -11.11 14.65
C LYS A 355 11.60 -12.15 14.07
N THR A 356 10.51 -11.70 13.44
CA THR A 356 9.58 -12.59 12.73
C THR A 356 10.28 -13.39 11.61
N PHE A 357 11.03 -12.70 10.75
CA PHE A 357 11.67 -13.35 9.61
C PHE A 357 12.88 -14.19 10.01
N GLY A 358 13.65 -13.68 10.98
CA GLY A 358 14.93 -14.25 11.34
C GLY A 358 15.97 -13.22 10.92
N GLU A 359 16.91 -12.94 11.81
CA GLU A 359 17.88 -11.86 11.59
C GLU A 359 18.77 -12.02 10.35
N THR A 360 18.80 -13.21 9.75
CA THR A 360 19.59 -13.44 8.55
C THR A 360 18.75 -13.59 7.28
N HIS A 361 17.43 -13.50 7.43
CA HIS A 361 16.52 -13.72 6.31
C HIS A 361 16.69 -12.68 5.18
N PRO A 362 16.72 -13.14 3.92
CA PRO A 362 16.87 -12.28 2.72
C PRO A 362 15.90 -11.09 2.60
N PHE A 363 14.72 -11.21 3.21
CA PHE A 363 13.69 -10.17 3.14
C PHE A 363 13.94 -9.06 4.16
N THR A 364 14.97 -9.23 5.00
CA THR A 364 15.34 -8.18 5.96
C THR A 364 16.41 -7.26 5.38
N LYS A 365 16.76 -7.50 4.12
CA LYS A 365 17.63 -6.61 3.37
C LYS A 365 16.85 -5.37 2.92
N LEU A 366 17.54 -4.23 2.84
CA LEU A 366 16.92 -3.00 2.37
C LEU A 366 16.61 -3.11 0.88
N VAL A 367 17.63 -3.46 0.10
CA VAL A 367 17.45 -3.81 -1.30
C VAL A 367 17.32 -5.32 -1.30
N VAL A 368 16.29 -5.81 -1.97
CA VAL A 368 15.99 -7.24 -2.03
C VAL A 368 16.14 -7.71 -3.47
N ASP A 369 16.39 -9.00 -3.65
CA ASP A 369 16.45 -9.58 -4.98
C ASP A 369 15.20 -10.44 -5.11
N LEU A 370 14.25 -9.97 -5.92
CA LEU A 370 12.92 -10.58 -6.05
C LEU A 370 12.84 -11.65 -7.14
N THR A 371 13.98 -12.04 -7.68
CA THR A 371 14.10 -13.15 -8.63
C THR A 371 13.39 -14.38 -8.05
N ASP A 372 12.34 -14.83 -8.75
CA ASP A 372 11.49 -15.93 -8.31
C ASP A 372 10.80 -15.71 -6.95
N ILE A 373 10.70 -14.46 -6.49
CA ILE A 373 9.91 -14.17 -5.31
C ILE A 373 8.67 -13.38 -5.71
N ASP A 374 7.51 -13.85 -5.24
CA ASP A 374 6.26 -13.11 -5.37
C ASP A 374 6.35 -11.86 -4.45
N PRO A 375 6.27 -10.66 -5.05
CA PRO A 375 6.41 -9.43 -4.22
C PRO A 375 5.41 -9.40 -3.04
N ASP A 376 4.21 -9.97 -3.23
CA ASP A 376 3.20 -10.02 -2.17
C ASP A 376 3.69 -10.84 -0.97
N VAL A 377 4.47 -11.87 -1.25
CA VAL A 377 5.03 -12.74 -0.23
C VAL A 377 6.16 -12.01 0.52
N ALA A 378 6.96 -11.26 -0.24
CA ALA A 378 8.10 -10.52 0.31
C ALA A 378 7.72 -9.24 1.09
N TYR A 379 6.52 -8.72 0.86
CA TYR A 379 6.08 -7.44 1.45
C TYR A 379 6.09 -7.46 2.99
N SER A 380 6.65 -6.41 3.59
CA SER A 380 6.73 -6.28 5.04
C SER A 380 7.06 -4.86 5.44
N SER A 381 7.33 -4.69 6.72
CA SER A 381 7.71 -3.38 7.30
C SER A 381 9.12 -2.96 6.98
N VAL A 382 9.96 -3.92 6.57
CA VAL A 382 11.39 -3.65 6.29
C VAL A 382 11.63 -2.43 5.36
N PRO A 383 11.15 -2.46 4.11
CA PRO A 383 11.47 -1.32 3.23
C PRO A 383 10.97 0.01 3.83
N TYR A 384 9.89 -0.07 4.61
CA TYR A 384 9.29 1.08 5.31
C TYR A 384 10.21 1.59 6.43
N GLU A 385 10.53 0.70 7.35
CA GLU A 385 11.20 1.08 8.58
C GLU A 385 12.75 1.04 8.53
N LYS A 386 13.31 0.11 7.77
CA LYS A 386 14.75 0.13 7.56
C LYS A 386 15.09 1.29 6.63
N GLY A 387 14.28 1.45 5.58
CA GLY A 387 14.32 2.64 4.73
C GLY A 387 14.29 3.93 5.55
N PHE A 388 13.29 4.07 6.41
CA PHE A 388 13.21 5.29 7.21
C PHE A 388 14.44 5.43 8.12
N ALA A 389 14.85 4.32 8.75
CA ALA A 389 15.99 4.35 9.69
C ALA A 389 17.26 4.85 9.02
N LEU A 390 17.55 4.39 7.82
CA LEU A 390 18.68 4.94 7.06
C LEU A 390 18.58 6.45 6.88
N LEU A 391 17.38 6.92 6.52
CA LEU A 391 17.20 8.35 6.25
C LEU A 391 17.28 9.20 7.51
N PHE A 392 16.77 8.66 8.63
CA PHE A 392 16.84 9.35 9.91
C PHE A 392 18.30 9.41 10.39
N TYR A 393 19.01 8.30 10.23
CA TYR A 393 20.46 8.23 10.52
C TYR A 393 21.28 9.26 9.73
N LEU A 394 21.09 9.30 8.41
CA LEU A 394 21.70 10.28 7.51
C LEU A 394 21.33 11.72 7.88
N GLU A 395 20.07 11.93 8.25
CA GLU A 395 19.62 13.25 8.70
C GLU A 395 20.47 13.72 9.88
N GLN A 396 20.71 12.84 10.83
CA GLN A 396 21.47 13.17 12.03
C GLN A 396 22.96 13.24 11.73
N LEU A 397 23.37 12.54 10.67
CA LEU A 397 24.77 12.53 10.24
C LEU A 397 25.12 13.83 9.50
N LEU A 398 24.22 14.30 8.65
CA LEU A 398 24.52 15.39 7.73
C LEU A 398 24.10 16.80 8.21
N GLY A 399 23.57 16.87 9.44
CA GLY A 399 23.38 18.15 10.09
C GLY A 399 21.97 18.61 10.40
N GLY A 400 21.04 17.66 10.53
CA GLY A 400 19.69 17.98 10.97
C GLY A 400 18.58 17.91 9.94
N PRO A 401 17.32 17.97 10.40
CA PRO A 401 16.15 17.91 9.54
C PRO A 401 16.09 19.02 8.48
N GLU A 402 16.48 20.24 8.82
CA GLU A 402 16.37 21.34 7.84
C GLU A 402 17.29 21.12 6.62
N ILE A 403 18.55 20.75 6.89
CA ILE A 403 19.52 20.41 5.85
C ILE A 403 19.06 19.20 5.01
N PHE A 404 18.64 18.14 5.68
CA PHE A 404 18.27 16.93 4.95
C PHE A 404 16.99 17.11 4.15
N LEU A 405 16.10 18.00 4.60
CA LEU A 405 14.88 18.31 3.84
C LEU A 405 15.18 19.04 2.55
N GLY A 406 16.23 19.85 2.54
CA GLY A 406 16.75 20.46 1.31
C GLY A 406 17.17 19.40 0.29
N PHE A 407 17.80 18.33 0.77
CA PHE A 407 18.19 17.22 -0.10
C PHE A 407 16.96 16.47 -0.63
N LEU A 408 15.96 16.32 0.23
CA LEU A 408 14.69 15.69 -0.17
C LEU A 408 13.99 16.49 -1.26
N LYS A 409 13.93 17.81 -1.12
CA LYS A 409 13.32 18.62 -2.17
C LYS A 409 14.12 18.52 -3.48
N ALA A 410 15.43 18.53 -3.36
CA ALA A 410 16.30 18.51 -4.54
C ALA A 410 16.23 17.16 -5.24
N TYR A 411 16.15 16.09 -4.44
CA TYR A 411 15.96 14.71 -4.90
C TYR A 411 14.65 14.49 -5.68
N VAL A 412 13.53 14.99 -5.15
CA VAL A 412 12.26 14.96 -5.89
C VAL A 412 12.40 15.73 -7.21
N GLU A 413 12.90 16.95 -7.10
CA GLU A 413 13.13 17.80 -8.25
C GLU A 413 13.91 16.99 -9.29
N LYS A 414 15.10 16.57 -8.92
CA LYS A 414 16.01 15.86 -9.79
C LYS A 414 15.42 14.63 -10.51
N PHE A 415 14.60 13.84 -9.82
CA PHE A 415 14.07 12.60 -10.43
C PHE A 415 12.56 12.57 -10.72
N SER A 416 11.91 13.73 -10.82
CA SER A 416 10.50 13.76 -11.20
C SER A 416 10.24 13.15 -12.56
N TYR A 417 9.15 12.38 -12.63
CA TYR A 417 8.71 11.65 -13.83
C TYR A 417 9.69 10.56 -14.27
N LYS A 418 10.59 10.15 -13.39
CA LYS A 418 11.57 9.15 -13.72
C LYS A 418 11.43 7.90 -12.84
N SER A 419 12.07 6.82 -13.25
CA SER A 419 12.18 5.62 -12.41
C SER A 419 13.66 5.37 -12.10
N ILE A 420 13.98 5.23 -10.82
CA ILE A 420 15.37 5.22 -10.37
C ILE A 420 15.73 3.99 -9.53
N THR A 421 17.03 3.71 -9.43
CA THR A 421 17.55 2.64 -8.55
C THR A 421 18.14 3.23 -7.25
N THR A 422 18.53 2.33 -6.33
CA THR A 422 19.27 2.70 -5.13
C THR A 422 20.57 3.42 -5.49
N ASP A 423 21.25 2.96 -6.55
CA ASP A 423 22.49 3.61 -7.02
C ASP A 423 22.25 5.02 -7.54
N ASP A 424 21.14 5.23 -8.24
CA ASP A 424 20.75 6.58 -8.69
C ASP A 424 20.55 7.48 -7.50
N TRP A 425 19.89 6.97 -6.45
CA TRP A 425 19.66 7.73 -5.22
C TRP A 425 20.97 8.10 -4.51
N LYS A 426 21.85 7.12 -4.37
CA LYS A 426 23.12 7.27 -3.66
C LYS A 426 24.10 8.18 -4.41
N ASP A 427 24.18 8.01 -5.73
CA ASP A 427 24.91 8.95 -6.59
C ASP A 427 24.43 10.37 -6.35
N PHE A 428 23.13 10.60 -6.39
CA PHE A 428 22.62 11.94 -6.13
C PHE A 428 22.82 12.44 -4.70
N LEU A 429 22.79 11.54 -3.71
CA LEU A 429 23.10 11.90 -2.32
C LEU A 429 24.53 12.47 -2.20
N TYR A 430 25.50 11.75 -2.77
CA TYR A 430 26.90 12.19 -2.81
C TYR A 430 27.10 13.51 -3.59
N SER A 431 26.43 13.63 -4.73
CA SER A 431 26.48 14.86 -5.54
C SER A 431 25.97 16.08 -4.75
N TYR A 432 24.75 15.95 -4.21
CA TYR A 432 24.15 17.00 -3.41
C TYR A 432 24.94 17.36 -2.15
N PHE A 433 25.47 16.35 -1.47
CA PHE A 433 26.30 16.58 -0.27
C PHE A 433 27.79 16.49 -0.60
N LYS A 434 28.23 17.14 -1.67
CA LYS A 434 29.62 16.97 -2.12
C LYS A 434 30.65 17.48 -1.09
N ASP A 435 30.27 18.51 -0.33
CA ASP A 435 31.08 19.01 0.80
C ASP A 435 30.95 18.16 2.07
N LYS A 436 30.30 17.01 1.98
CA LYS A 436 30.14 16.14 3.15
C LYS A 436 30.45 14.67 2.83
N VAL A 437 31.19 14.46 1.75
CA VAL A 437 31.59 13.12 1.31
C VAL A 437 32.44 12.36 2.34
N ASP A 438 33.28 13.07 3.08
CA ASP A 438 34.06 12.46 4.16
C ASP A 438 33.14 11.85 5.23
N VAL A 439 32.10 12.61 5.59
CA VAL A 439 31.04 12.14 6.49
C VAL A 439 30.23 10.97 5.90
N LEU A 440 29.83 11.07 4.63
CA LEU A 440 29.09 10.00 3.93
C LEU A 440 29.91 8.72 3.76
N ASN A 441 31.22 8.87 3.64
CA ASN A 441 32.11 7.70 3.58
C ASN A 441 32.25 6.98 4.93
N GLN A 442 31.70 7.57 5.99
CA GLN A 442 31.62 6.87 7.27
C GLN A 442 30.49 5.86 7.32
N VAL A 443 29.53 5.97 6.39
CA VAL A 443 28.37 5.07 6.37
C VAL A 443 28.79 3.70 5.88
N ASP A 444 28.37 2.67 6.62
CA ASP A 444 28.55 1.29 6.18
C ASP A 444 27.51 0.94 5.13
N TRP A 445 27.84 1.20 3.87
CA TRP A 445 26.87 1.11 2.77
C TRP A 445 26.46 -0.31 2.47
N ASN A 446 27.43 -1.21 2.44
CA ASN A 446 27.13 -2.61 2.18
C ASN A 446 26.18 -3.17 3.24
N ALA A 447 26.37 -2.80 4.51
CA ALA A 447 25.51 -3.28 5.58
C ALA A 447 24.12 -2.63 5.51
N TRP A 448 24.07 -1.31 5.51
CA TRP A 448 22.77 -0.62 5.44
C TRP A 448 21.90 -1.09 4.28
N LEU A 449 22.48 -1.21 3.09
CA LEU A 449 21.77 -1.51 1.85
C LEU A 449 21.61 -3.03 1.54
N TYR A 450 22.59 -3.84 1.97
CA TYR A 450 22.70 -5.21 1.45
C TYR A 450 22.70 -6.36 2.47
N SER A 451 22.91 -6.04 3.74
CA SER A 451 22.89 -7.04 4.80
C SER A 451 21.52 -7.22 5.44
N PRO A 452 21.20 -8.46 5.86
CA PRO A 452 20.02 -8.76 6.65
C PRO A 452 20.12 -8.28 8.10
N GLY A 453 19.00 -8.34 8.82
CA GLY A 453 18.96 -8.03 10.24
C GLY A 453 18.71 -6.56 10.49
N LEU A 454 18.82 -6.15 11.74
CA LEU A 454 18.75 -4.74 12.11
C LEU A 454 19.93 -3.95 11.51
N PRO A 455 19.74 -2.64 11.29
CA PRO A 455 20.83 -1.81 10.77
C PRO A 455 22.09 -1.80 11.67
N PRO A 456 23.28 -1.58 11.08
CA PRO A 456 24.52 -1.52 11.87
C PRO A 456 24.54 -0.43 12.97
N ILE A 457 23.76 0.64 12.78
CA ILE A 457 23.72 1.78 13.71
C ILE A 457 22.28 2.17 13.99
N LYS A 458 21.97 2.44 15.24
CA LYS A 458 20.66 2.98 15.60
C LYS A 458 20.72 4.50 15.73
N PRO A 459 19.77 5.22 15.09
CA PRO A 459 19.67 6.67 15.25
C PRO A 459 19.41 7.10 16.70
N ASN A 460 19.53 8.39 16.97
CA ASN A 460 19.27 8.92 18.30
C ASN A 460 17.83 9.38 18.38
N TYR A 461 17.14 9.01 19.46
CA TYR A 461 15.72 9.34 19.59
C TYR A 461 15.44 10.08 20.88
N ASP A 462 14.82 11.25 20.76
CA ASP A 462 14.18 11.90 21.90
C ASP A 462 13.18 10.92 22.53
N MET A 463 13.16 10.89 23.86
CA MET A 463 12.40 9.90 24.64
C MET A 463 11.18 10.44 25.36
N THR A 464 10.92 11.74 25.26
CA THR A 464 9.94 12.39 26.16
C THR A 464 8.62 11.64 26.22
N LEU A 465 8.08 11.35 25.04
CA LEU A 465 6.72 10.84 24.93
C LEU A 465 6.68 9.34 25.14
N THR A 466 7.83 8.69 24.93
CA THR A 466 7.93 7.24 25.05
C THR A 466 8.11 6.75 26.49
N ASN A 467 8.82 7.53 27.33
CA ASN A 467 9.19 7.08 28.68
C ASN A 467 8.02 6.44 29.44
N ALA A 468 6.90 7.16 29.50
CA ALA A 468 5.74 6.75 30.28
C ALA A 468 5.10 5.45 29.76
N CYS A 469 5.33 5.15 28.50
CA CYS A 469 4.90 3.90 27.89
C CYS A 469 5.80 2.78 28.40
N ILE A 470 7.09 3.02 28.34
CA ILE A 470 8.07 2.03 28.77
C ILE A 470 7.90 1.75 30.27
N ALA A 471 7.68 2.80 31.05
CA ALA A 471 7.55 2.69 32.51
C ALA A 471 6.36 1.84 32.92
N LEU A 472 5.18 2.16 32.37
CA LEU A 472 3.97 1.37 32.63
C LEU A 472 4.12 -0.10 32.20
N SER A 473 4.71 -0.31 31.02
CA SER A 473 4.90 -1.64 30.48
C SER A 473 5.83 -2.45 31.37
N GLN A 474 6.88 -1.80 31.86
CA GLN A 474 7.82 -2.41 32.81
C GLN A 474 7.17 -2.75 34.16
N ARG A 475 6.23 -1.91 34.59
CA ARG A 475 5.43 -2.20 35.78
C ARG A 475 4.63 -3.49 35.61
N TRP A 476 4.02 -3.68 34.44
CA TRP A 476 3.21 -4.88 34.23
C TRP A 476 4.03 -6.15 34.08
N ILE A 477 5.10 -6.07 33.29
CA ILE A 477 5.97 -7.21 33.04
C ILE A 477 6.59 -7.77 34.34
N THR A 478 7.05 -6.86 35.20
CA THR A 478 7.75 -7.17 36.45
C THR A 478 6.80 -7.33 37.63
N ALA A 479 5.52 -7.02 37.42
CA ALA A 479 4.54 -7.16 38.48
C ALA A 479 4.36 -8.63 38.86
N LYS A 480 4.19 -8.90 40.16
CA LYS A 480 3.69 -10.20 40.60
C LYS A 480 2.22 -10.10 40.98
N GLU A 481 1.68 -11.20 41.46
CA GLU A 481 0.25 -11.25 41.77
C GLU A 481 -0.14 -10.20 42.79
N ASP A 482 0.67 -10.05 43.84
CA ASP A 482 0.34 -9.08 44.89
C ASP A 482 0.64 -7.61 44.49
N ASP A 483 0.91 -7.41 43.21
CA ASP A 483 1.10 -6.08 42.62
C ASP A 483 -0.10 -5.68 41.75
N LEU A 484 -0.87 -6.67 41.30
CA LEU A 484 -2.02 -6.44 40.41
C LEU A 484 -3.08 -5.47 40.95
N ASN A 485 -3.35 -5.53 42.26
CA ASN A 485 -4.19 -4.52 42.93
C ASN A 485 -3.77 -3.06 42.70
N SER A 486 -2.47 -2.81 42.63
CA SER A 486 -1.96 -1.44 42.53
C SER A 486 -2.22 -0.78 41.18
N PHE A 487 -2.61 -1.56 40.19
CA PHE A 487 -2.98 -1.05 38.88
C PHE A 487 -4.39 -0.49 38.90
N ASN A 488 -4.61 0.55 38.10
CA ASN A 488 -5.83 1.35 38.21
C ASN A 488 -6.07 2.18 36.95
N ALA A 489 -7.32 2.53 36.68
CA ALA A 489 -7.67 3.36 35.51
C ALA A 489 -6.82 4.62 35.41
N THR A 490 -6.53 5.24 36.55
CA THR A 490 -5.77 6.49 36.57
C THR A 490 -4.35 6.36 36.01
N ASP A 491 -3.86 5.12 35.86
CA ASP A 491 -2.58 4.87 35.18
C ASP A 491 -2.59 5.45 33.76
N LEU A 492 -3.77 5.49 33.12
CA LEU A 492 -3.90 5.83 31.68
C LEU A 492 -4.27 7.28 31.42
N LYS A 493 -4.52 7.99 32.51
CA LYS A 493 -5.20 9.28 32.50
C LYS A 493 -4.41 10.37 31.76
N ASP A 494 -3.08 10.25 31.71
CA ASP A 494 -2.24 11.21 31.02
C ASP A 494 -1.63 10.69 29.71
N LEU A 495 -2.11 9.54 29.23
CA LEU A 495 -1.58 8.96 27.99
C LEU A 495 -2.55 9.17 26.84
N SER A 496 -2.06 9.74 25.75
CA SER A 496 -2.89 9.86 24.55
C SER A 496 -3.07 8.47 23.92
N SER A 497 -3.95 8.35 22.92
CA SER A 497 -4.18 7.06 22.24
C SER A 497 -2.90 6.48 21.59
N HIS A 498 -2.01 7.36 21.14
CA HIS A 498 -0.71 6.97 20.57
C HIS A 498 0.18 6.34 21.61
N GLN A 499 0.11 6.88 22.84
CA GLN A 499 0.89 6.34 23.94
C GLN A 499 0.33 4.98 24.40
N LEU A 500 -1.01 4.87 24.48
CA LEU A 500 -1.67 3.59 24.83
C LEU A 500 -1.26 2.52 23.84
N ASN A 501 -1.31 2.87 22.56
CA ASN A 501 -0.86 1.98 21.51
C ASN A 501 0.61 1.56 21.66
N GLU A 502 1.49 2.51 21.98
CA GLU A 502 2.91 2.20 22.20
C GLU A 502 3.12 1.37 23.48
N PHE A 503 2.37 1.69 24.53
CA PHE A 503 2.34 0.87 25.73
C PHE A 503 2.04 -0.58 25.36
N LEU A 504 1.00 -0.80 24.54
CA LEU A 504 0.62 -2.17 24.16
C LEU A 504 1.68 -2.81 23.29
N ALA A 505 2.28 -2.02 22.40
CA ALA A 505 3.38 -2.49 21.56
C ALA A 505 4.59 -2.93 22.40
N GLN A 506 4.90 -2.15 23.44
CA GLN A 506 5.98 -2.44 24.38
C GLN A 506 5.73 -3.78 25.06
N THR A 507 4.51 -3.91 25.56
CA THR A 507 4.09 -5.11 26.29
C THR A 507 3.98 -6.35 25.37
N LEU A 508 3.54 -6.13 24.13
CA LEU A 508 3.43 -7.20 23.15
C LEU A 508 4.80 -7.81 22.82
N GLN A 509 5.85 -6.98 22.88
CA GLN A 509 7.22 -7.45 22.64
C GLN A 509 7.73 -8.46 23.69
N ARG A 510 7.09 -8.52 24.86
CA ARG A 510 7.47 -9.53 25.86
C ARG A 510 6.39 -10.57 26.09
N ALA A 511 5.39 -10.60 25.21
CA ALA A 511 4.27 -11.55 25.34
C ALA A 511 4.78 -12.98 25.13
N PRO A 512 4.18 -13.98 25.82
CA PRO A 512 3.03 -13.90 26.72
C PRO A 512 3.36 -13.30 28.07
N LEU A 513 2.32 -12.66 28.64
CA LEU A 513 2.30 -12.32 30.05
C LEU A 513 1.42 -13.34 30.78
N PRO A 514 1.55 -13.44 32.13
CA PRO A 514 0.62 -14.35 32.80
C PRO A 514 -0.83 -14.00 32.47
N LEU A 515 -1.66 -15.02 32.37
CA LEU A 515 -3.08 -14.86 32.11
C LEU A 515 -3.74 -13.95 33.12
N GLY A 516 -3.39 -14.12 34.41
CA GLY A 516 -3.87 -13.26 35.50
C GLY A 516 -3.58 -11.78 35.31
N HIS A 517 -2.39 -11.45 34.80
CA HIS A 517 -2.05 -10.06 34.50
C HIS A 517 -2.98 -9.47 33.43
N ILE A 518 -3.19 -10.24 32.34
CA ILE A 518 -4.03 -9.77 31.24
C ILE A 518 -5.48 -9.56 31.68
N LYS A 519 -6.03 -10.53 32.41
CA LYS A 519 -7.38 -10.39 32.97
C LYS A 519 -7.48 -9.09 33.78
N ARG A 520 -6.45 -8.80 34.58
CA ARG A 520 -6.40 -7.59 35.38
C ARG A 520 -6.37 -6.31 34.56
N MET A 521 -5.62 -6.29 33.45
CA MET A 521 -5.63 -5.18 32.50
C MET A 521 -7.05 -4.92 32.02
N GLN A 522 -7.78 -5.97 31.68
CA GLN A 522 -9.15 -5.77 31.26
C GLN A 522 -10.00 -5.17 32.40
N GLU A 523 -9.81 -5.67 33.61
CA GLU A 523 -10.53 -5.18 34.78
C GLU A 523 -10.31 -3.67 34.99
N VAL A 524 -9.05 -3.22 34.93
CA VAL A 524 -8.72 -1.83 35.28
C VAL A 524 -8.68 -0.83 34.12
N TYR A 525 -8.48 -1.35 32.90
CA TYR A 525 -8.29 -0.48 31.75
C TYR A 525 -9.39 -0.62 30.69
N ASN A 526 -10.22 -1.66 30.82
CA ASN A 526 -11.31 -1.91 29.87
C ASN A 526 -10.91 -1.70 28.40
N PHE A 527 -9.80 -2.35 28.00
CA PHE A 527 -9.33 -2.25 26.63
C PHE A 527 -10.30 -2.90 25.64
N ASN A 528 -11.14 -3.80 26.13
CA ASN A 528 -12.13 -4.41 25.26
C ASN A 528 -13.02 -3.37 24.61
N ALA A 529 -13.22 -2.24 25.29
CA ALA A 529 -14.15 -1.20 24.83
C ALA A 529 -13.54 -0.24 23.77
N ILE A 530 -12.23 -0.32 23.53
CA ILE A 530 -11.61 0.61 22.58
C ILE A 530 -11.77 0.11 21.14
N ASN A 531 -12.29 0.96 20.27
CA ASN A 531 -12.47 0.57 18.88
C ASN A 531 -11.41 1.12 17.92
N ASN A 532 -10.46 1.89 18.47
CA ASN A 532 -9.27 2.27 17.73
C ASN A 532 -8.59 0.99 17.24
N SER A 533 -8.56 0.79 15.93
CA SER A 533 -8.16 -0.50 15.33
C SER A 533 -6.72 -0.90 15.62
N GLU A 534 -5.80 0.06 15.67
CA GLU A 534 -4.41 -0.20 16.07
C GLU A 534 -4.31 -0.69 17.53
N ILE A 535 -4.96 0.00 18.44
CA ILE A 535 -4.99 -0.43 19.84
C ILE A 535 -5.65 -1.80 19.97
N ARG A 536 -6.85 -1.95 19.42
CA ARG A 536 -7.58 -3.20 19.52
C ARG A 536 -6.80 -4.39 18.94
N PHE A 537 -6.20 -4.18 17.78
CA PHE A 537 -5.31 -5.16 17.17
C PHE A 537 -4.22 -5.69 18.16
N ARG A 538 -3.42 -4.78 18.72
CA ARG A 538 -2.33 -5.15 19.62
C ARG A 538 -2.81 -5.76 20.93
N TRP A 539 -3.95 -5.26 21.43
CA TRP A 539 -4.56 -5.80 22.63
C TRP A 539 -5.08 -7.21 22.41
N LEU A 540 -5.72 -7.44 21.28
CA LEU A 540 -6.26 -8.78 21.02
C LEU A 540 -5.13 -9.76 20.84
N ARG A 541 -4.06 -9.34 20.16
CA ARG A 541 -2.86 -10.15 20.01
C ARG A 541 -2.26 -10.54 21.36
N LEU A 542 -2.05 -9.55 22.22
CA LEU A 542 -1.56 -9.80 23.59
C LEU A 542 -2.44 -10.81 24.37
N CYS A 543 -3.76 -10.72 24.20
CA CYS A 543 -4.69 -11.64 24.84
C CYS A 543 -4.59 -13.07 24.32
N ILE A 544 -4.52 -13.20 23.00
CA ILE A 544 -4.37 -14.52 22.37
C ILE A 544 -2.99 -15.14 22.65
N GLN A 545 -1.94 -14.34 22.56
CA GLN A 545 -0.58 -14.85 22.88
C GLN A 545 -0.40 -15.21 24.35
N SER A 546 -1.10 -14.51 25.24
CA SER A 546 -1.16 -14.89 26.65
C SER A 546 -2.28 -15.91 26.98
N LYS A 547 -2.86 -16.53 25.95
CA LYS A 547 -3.77 -17.69 26.14
C LYS A 547 -5.07 -17.36 26.88
N TRP A 548 -5.68 -16.21 26.57
CA TRP A 548 -6.97 -15.86 27.15
C TRP A 548 -8.08 -16.29 26.20
N GLU A 549 -8.87 -17.29 26.62
CA GLU A 549 -9.89 -17.90 25.76
C GLU A 549 -11.03 -16.94 25.48
N ASP A 550 -11.30 -16.04 26.43
CA ASP A 550 -12.37 -15.05 26.25
C ASP A 550 -12.12 -14.21 25.02
N ALA A 551 -10.84 -14.04 24.68
CA ALA A 551 -10.46 -13.18 23.58
C ALA A 551 -10.62 -13.87 22.20
N ILE A 552 -10.84 -15.18 22.18
CA ILE A 552 -10.94 -15.93 20.91
C ILE A 552 -12.04 -15.42 19.97
N PRO A 553 -13.29 -15.25 20.47
CA PRO A 553 -14.34 -14.71 19.59
C PRO A 553 -14.04 -13.26 19.12
N LEU A 554 -13.49 -12.46 20.02
CA LEU A 554 -13.16 -11.06 19.70
C LEU A 554 -12.10 -10.97 18.58
N ALA A 555 -11.05 -11.79 18.67
CA ALA A 555 -10.02 -11.89 17.64
C ALA A 555 -10.54 -12.47 16.32
N LEU A 556 -11.34 -13.54 16.38
CA LEU A 556 -11.95 -14.10 15.17
C LEU A 556 -12.83 -13.03 14.50
N LYS A 557 -13.62 -12.33 15.31
CA LYS A 557 -14.47 -11.25 14.82
C LYS A 557 -13.67 -10.16 14.08
N MET A 558 -12.63 -9.59 14.71
CA MET A 558 -11.80 -8.56 14.07
C MET A 558 -11.12 -9.06 12.78
N ALA A 559 -10.59 -10.28 12.82
CA ALA A 559 -9.80 -10.84 11.73
C ALA A 559 -10.60 -10.93 10.43
N THR A 560 -11.89 -11.21 10.58
CA THR A 560 -12.79 -11.42 9.46
C THR A 560 -13.71 -10.24 9.13
N GLU A 561 -14.02 -9.40 10.11
CA GLU A 561 -14.94 -8.28 9.87
C GLU A 561 -14.35 -7.14 9.07
N GLN A 562 -13.02 -7.01 9.13
CA GLN A 562 -12.27 -6.16 8.21
C GLN A 562 -11.18 -7.06 7.63
N GLY A 563 -10.53 -6.62 6.56
CA GLY A 563 -9.49 -7.45 5.94
C GLY A 563 -8.16 -6.76 5.61
N ARG A 564 -7.85 -5.70 6.35
CA ARG A 564 -6.52 -5.07 6.31
C ARG A 564 -5.47 -6.10 6.75
N MET A 565 -4.62 -6.49 5.81
CA MET A 565 -3.69 -7.60 6.01
C MET A 565 -2.76 -7.37 7.19
N LYS A 566 -2.46 -6.09 7.44
CA LYS A 566 -1.74 -5.69 8.63
C LYS A 566 -2.38 -6.25 9.92
N PHE A 567 -3.71 -6.35 9.93
CA PHE A 567 -4.44 -6.83 11.11
C PHE A 567 -4.86 -8.29 10.97
N THR A 568 -5.47 -8.61 9.84
CA THR A 568 -5.99 -9.94 9.56
C THR A 568 -4.95 -11.06 9.58
N ARG A 569 -3.79 -10.83 8.97
CA ARG A 569 -2.80 -11.91 8.90
C ARG A 569 -2.25 -12.27 10.28
N PRO A 570 -1.73 -11.28 11.04
CA PRO A 570 -1.20 -11.65 12.35
C PRO A 570 -2.26 -12.17 13.32
N LEU A 571 -3.50 -11.67 13.22
CA LEU A 571 -4.60 -12.21 14.03
C LEU A 571 -4.85 -13.71 13.74
N PHE A 572 -5.06 -14.07 12.47
CA PHE A 572 -5.19 -15.48 12.08
C PHE A 572 -4.01 -16.35 12.52
N LYS A 573 -2.78 -15.85 12.35
CA LYS A 573 -1.58 -16.56 12.79
C LYS A 573 -1.60 -16.82 14.29
N ASP A 574 -1.90 -15.78 15.07
CA ASP A 574 -1.97 -15.92 16.53
C ASP A 574 -2.99 -16.98 16.94
N LEU A 575 -4.18 -16.89 16.35
CA LEU A 575 -5.26 -17.85 16.58
C LEU A 575 -4.89 -19.30 16.21
N ALA A 576 -4.11 -19.45 15.14
CA ALA A 576 -3.63 -20.76 14.73
C ALA A 576 -2.60 -21.30 15.74
N ALA A 577 -1.70 -20.44 16.21
CA ALA A 577 -0.66 -20.91 17.14
C ALA A 577 -1.22 -21.24 18.52
N PHE A 578 -2.35 -20.61 18.89
CA PHE A 578 -3.05 -20.91 20.15
C PHE A 578 -3.91 -22.19 20.01
N ASP A 579 -3.58 -23.21 20.80
CA ASP A 579 -4.17 -24.55 20.61
C ASP A 579 -5.70 -24.63 20.76
N LYS A 580 -6.23 -23.85 21.69
CA LYS A 580 -7.67 -23.71 21.92
C LYS A 580 -8.43 -23.08 20.75
N SER A 581 -7.76 -22.25 19.96
CA SER A 581 -8.44 -21.57 18.87
C SER A 581 -7.99 -22.09 17.49
N HIS A 582 -7.06 -23.03 17.49
CA HIS A 582 -6.47 -23.49 16.24
C HIS A 582 -7.49 -23.98 15.22
N ASP A 583 -8.30 -24.96 15.59
CA ASP A 583 -9.25 -25.55 14.66
C ASP A 583 -10.27 -24.53 14.16
N GLN A 584 -10.79 -23.73 15.07
CA GLN A 584 -11.73 -22.68 14.69
C GLN A 584 -11.11 -21.66 13.71
N ALA A 585 -9.86 -21.28 13.94
CA ALA A 585 -9.12 -20.38 13.07
C ALA A 585 -9.06 -20.91 11.63
N VAL A 586 -8.59 -22.15 11.47
CA VAL A 586 -8.55 -22.82 10.17
C VAL A 586 -9.96 -22.90 9.56
N ARG A 587 -10.94 -23.39 10.34
CA ARG A 587 -12.33 -23.45 9.86
C ARG A 587 -12.81 -22.10 9.37
N THR A 588 -12.60 -21.07 10.18
CA THR A 588 -13.10 -19.74 9.86
C THR A 588 -12.53 -19.29 8.53
N TYR A 589 -11.22 -19.46 8.36
CA TYR A 589 -10.60 -19.10 7.10
C TYR A 589 -11.24 -19.85 5.91
N GLN A 590 -11.34 -21.18 6.00
CA GLN A 590 -11.97 -21.99 4.94
C GLN A 590 -13.37 -21.55 4.56
N GLU A 591 -14.13 -21.10 5.56
CA GLU A 591 -15.47 -20.58 5.31
C GLU A 591 -15.44 -19.23 4.59
N HIS A 592 -14.49 -18.37 4.95
CA HIS A 592 -14.46 -17.00 4.43
C HIS A 592 -13.65 -16.83 3.14
N LYS A 593 -12.74 -17.78 2.93
CA LYS A 593 -11.78 -17.84 1.82
C LYS A 593 -12.29 -17.39 0.45
N ALA A 594 -13.50 -17.78 0.08
CA ALA A 594 -14.00 -17.51 -1.25
C ALA A 594 -14.49 -16.08 -1.39
N SER A 595 -14.92 -15.47 -0.28
CA SER A 595 -15.45 -14.12 -0.28
C SER A 595 -14.43 -13.10 0.22
N MET A 596 -13.19 -13.54 0.37
CA MET A 596 -12.09 -12.65 0.76
C MET A 596 -11.47 -11.98 -0.47
N HIS A 597 -10.62 -10.97 -0.24
CA HIS A 597 -9.73 -10.45 -1.27
C HIS A 597 -8.78 -11.56 -1.72
N PRO A 598 -8.62 -11.75 -3.05
CA PRO A 598 -7.87 -12.88 -3.59
C PRO A 598 -6.42 -12.93 -3.13
N VAL A 599 -5.79 -11.78 -2.89
CA VAL A 599 -4.43 -11.73 -2.38
C VAL A 599 -4.41 -12.03 -0.87
N THR A 600 -5.29 -11.37 -0.10
CA THR A 600 -5.44 -11.68 1.31
C THR A 600 -5.67 -13.19 1.53
N ALA A 601 -6.60 -13.75 0.76
CA ALA A 601 -6.91 -15.19 0.78
C ALA A 601 -5.67 -16.03 0.61
N MET A 602 -4.89 -15.70 -0.43
CA MET A 602 -3.71 -16.48 -0.79
C MET A 602 -2.66 -16.44 0.34
N LEU A 603 -2.38 -15.25 0.85
CA LEU A 603 -1.39 -15.08 1.90
C LEU A 603 -1.80 -15.69 3.25
N VAL A 604 -3.09 -15.59 3.60
CA VAL A 604 -3.56 -16.15 4.89
C VAL A 604 -3.50 -17.67 4.83
N GLY A 605 -3.91 -18.22 3.68
CA GLY A 605 -3.69 -19.62 3.33
C GLY A 605 -2.26 -20.09 3.56
N LYS A 606 -1.29 -19.32 3.06
CA LYS A 606 0.12 -19.64 3.28
C LYS A 606 0.52 -19.55 4.76
N ASP A 607 0.02 -18.54 5.45
CA ASP A 607 0.31 -18.34 6.85
C ASP A 607 -0.20 -19.51 7.71
N LEU A 608 -1.38 -20.02 7.36
CA LEU A 608 -2.06 -21.08 8.13
C LEU A 608 -1.66 -22.50 7.70
N LYS A 609 -0.85 -22.60 6.64
CA LYS A 609 -0.49 -23.88 6.03
C LYS A 609 -1.68 -24.69 5.51
N VAL A 610 -2.70 -24.01 4.99
CA VAL A 610 -3.86 -24.69 4.42
C VAL A 610 -3.98 -24.55 2.90
#